data_7DQJ
#
_entry.id   7DQJ
#
_cell.length_a   61.460
_cell.length_b   67.462
_cell.length_c   102.500
_cell.angle_alpha   90.00
_cell.angle_beta   90.00
_cell.angle_gamma   90.00
#
_symmetry.space_group_name_H-M   'P 21 21 21'
#
loop_
_entity.id
_entity.type
_entity.pdbx_description
1 polymer 'DNA gyrase subunit B'
2 non-polymer 1H-benzimidazol-2-amine
3 non-polymer 1-[3,4-bis(oxidanyl)phenyl]ethanone
4 non-polymer 'PHOSPHATE ION'
5 water water
#
_entity_poly.entity_id   1
_entity_poly.type   'polypeptide(L)'
_entity_poly.pdbx_seq_one_letter_code
;LDAVRKRPGMYIGDTDDGTGLHHMVFEVVDNAIDEALAGHCKEIIVTIHADNSVSVQDDGRGIPTGIHPEEGVSAAEVIM
TVLHAGGKFDDNSYKVSGGLHGVGVSVVNALSQKLELVIQREGKIHRQIYEHGVPQAPLAVTGETEKTGTMVRFWPSLET
FTNVTEFEYEILAKRLRELSFLNSGVSIRLRDKRDGKEDHFHYEGG
;
_entity_poly.pdbx_strand_id   A,B
#
# COMPACT_ATOMS: atom_id res chain seq x y z
N LEU A 1 6.39 4.87 4.01
CA LEU A 1 6.52 3.38 4.02
C LEU A 1 6.65 2.72 2.63
N ASP A 2 6.36 3.45 1.55
CA ASP A 2 6.49 2.89 0.19
C ASP A 2 7.90 2.38 -0.15
N ALA A 3 8.93 3.00 0.43
CA ALA A 3 10.30 2.51 0.27
C ALA A 3 10.47 1.07 0.79
N VAL A 4 9.80 0.75 1.89
CA VAL A 4 9.78 -0.60 2.45
C VAL A 4 8.96 -1.54 1.57
N ARG A 5 7.78 -1.08 1.14
CA ARG A 5 6.90 -1.89 0.28
C ARG A 5 7.53 -2.21 -1.07
N LYS A 6 8.34 -1.28 -1.60
CA LYS A 6 9.07 -1.48 -2.86
C LYS A 6 10.08 -2.63 -2.82
N ARG A 7 10.82 -2.73 -1.72
CA ARG A 7 11.90 -3.71 -1.57
C ARG A 7 11.85 -4.34 -0.17
N PRO A 8 10.81 -5.16 0.12
CA PRO A 8 10.65 -5.73 1.47
C PRO A 8 11.87 -6.51 1.95
N GLY A 9 12.47 -7.31 1.07
CA GLY A 9 13.66 -8.10 1.36
C GLY A 9 14.86 -7.34 1.91
N MET A 10 15.04 -6.11 1.45
CA MET A 10 16.15 -5.25 1.92
C MET A 10 15.99 -4.77 3.37
N TYR A 11 14.75 -4.71 3.86
CA TYR A 11 14.46 -4.27 5.22
C TYR A 11 14.26 -5.43 6.20
N ILE A 12 13.44 -6.41 5.82
CA ILE A 12 13.06 -7.52 6.71
C ILE A 12 13.88 -8.80 6.52
N GLY A 13 14.47 -8.97 5.35
CA GLY A 13 15.19 -10.20 4.99
C GLY A 13 14.40 -11.03 3.99
N ASP A 14 14.98 -12.14 3.57
CA ASP A 14 14.44 -12.96 2.48
C ASP A 14 12.97 -13.37 2.73
N THR A 15 12.09 -12.97 1.81
CA THR A 15 10.65 -13.17 1.95
C THR A 15 10.12 -14.51 1.41
N ASP A 16 11.02 -15.36 0.88
CA ASP A 16 10.63 -16.67 0.33
C ASP A 16 11.02 -17.87 1.23
N ASP A 17 12.20 -17.83 1.83
CA ASP A 17 12.72 -18.96 2.64
C ASP A 17 12.28 -18.98 4.12
N GLY A 18 11.50 -17.99 4.55
CA GLY A 18 11.02 -17.91 5.94
C GLY A 18 11.85 -17.03 6.87
N THR A 19 12.97 -16.50 6.39
CA THR A 19 13.86 -15.65 7.20
C THR A 19 13.18 -14.32 7.53
N GLY A 20 12.65 -13.66 6.51
CA GLY A 20 11.92 -12.41 6.67
C GLY A 20 10.70 -12.55 7.55
N LEU A 21 9.92 -13.61 7.32
CA LEU A 21 8.69 -13.89 8.08
C LEU A 21 8.94 -13.91 9.60
N HIS A 22 9.99 -14.62 10.01
CA HIS A 22 10.33 -14.72 11.44
C HIS A 22 10.98 -13.46 11.99
N HIS A 23 11.73 -12.74 11.15
CA HIS A 23 12.30 -11.45 11.56
C HIS A 23 11.22 -10.42 11.92
N MET A 24 10.03 -10.55 11.31
CA MET A 24 8.87 -9.70 11.67
C MET A 24 8.56 -9.80 13.16
N VAL A 25 8.54 -11.03 13.67
CA VAL A 25 8.31 -11.29 15.09
C VAL A 25 9.44 -10.68 15.92
N PHE A 26 10.68 -10.91 15.51
CA PHE A 26 11.86 -10.46 16.28
C PHE A 26 11.95 -8.94 16.38
N GLU A 27 11.54 -8.23 15.33
CA GLU A 27 11.52 -6.77 15.36
C GLU A 27 10.52 -6.24 16.41
N VAL A 28 9.35 -6.85 16.47
CA VAL A 28 8.32 -6.49 17.45
C VAL A 28 8.80 -6.82 18.87
N VAL A 29 9.43 -7.99 19.03
CA VAL A 29 9.96 -8.43 20.32
C VAL A 29 11.02 -7.46 20.89
N ASP A 30 11.89 -6.93 20.04
CA ASP A 30 12.88 -5.92 20.45
C ASP A 30 12.24 -4.71 21.14
N ASN A 31 11.13 -4.23 20.58
CA ASN A 31 10.40 -3.10 21.14
C ASN A 31 9.71 -3.48 22.45
N ALA A 32 9.13 -4.69 22.49
CA ALA A 32 8.51 -5.23 23.70
C ALA A 32 9.51 -5.41 24.85
N ILE A 33 10.73 -5.83 24.54
CA ILE A 33 11.81 -5.97 25.54
C ILE A 33 12.20 -4.62 26.16
N ASP A 34 12.36 -3.60 25.33
CA ASP A 34 12.66 -2.24 25.82
C ASP A 34 11.57 -1.72 26.75
N GLU A 35 10.31 -1.97 26.39
CA GLU A 35 9.16 -1.59 27.23
C GLU A 35 9.09 -2.40 28.52
N ALA A 36 9.33 -3.71 28.43
CA ALA A 36 9.35 -4.58 29.61
C ALA A 36 10.44 -4.18 30.62
N LEU A 37 11.61 -3.81 30.10
CA LEU A 37 12.74 -3.34 30.93
C LEU A 37 12.43 -2.15 31.86
N ALA A 38 11.62 -1.21 31.36
CA ALA A 38 11.29 0.01 32.12
C ALA A 38 9.99 -0.10 32.94
N GLY A 39 9.37 -1.28 32.96
CA GLY A 39 8.23 -1.57 33.83
C GLY A 39 8.65 -2.30 35.09
N HIS A 40 7.67 -2.83 35.84
CA HIS A 40 7.91 -3.45 37.14
C HIS A 40 7.99 -4.98 37.09
N CYS A 41 6.99 -5.60 36.46
CA CYS A 41 6.90 -7.07 36.40
C CYS A 41 7.88 -7.69 35.39
N LYS A 42 8.10 -6.99 34.27
CA LYS A 42 9.10 -7.36 33.25
C LYS A 42 8.84 -8.73 32.61
N GLU A 43 7.66 -8.88 32.01
CA GLU A 43 7.29 -10.11 31.29
C GLU A 43 6.81 -9.78 29.88
N ILE A 44 7.17 -10.66 28.94
CA ILE A 44 6.71 -10.61 27.55
C ILE A 44 6.06 -11.95 27.20
N ILE A 45 4.96 -11.87 26.45
CA ILE A 45 4.25 -13.06 25.99
C ILE A 45 4.15 -13.00 24.46
N VAL A 46 4.81 -13.93 23.78
CA VAL A 46 4.71 -14.09 22.33
C VAL A 46 3.77 -15.27 22.07
N THR A 47 2.67 -15.02 21.35
CA THR A 47 1.67 -16.04 21.07
C THR A 47 1.50 -16.25 19.57
N ILE A 48 1.67 -17.50 19.13
CA ILE A 48 1.35 -17.90 17.76
C ILE A 48 -0.12 -18.32 17.74
N HIS A 49 -0.93 -17.61 16.97
CA HIS A 49 -2.36 -17.89 16.88
C HIS A 49 -2.65 -18.89 15.76
N ALA A 50 -3.83 -19.51 15.83
CA ALA A 50 -4.23 -20.56 14.87
C ALA A 50 -4.44 -20.03 13.46
N ASP A 51 -4.83 -18.76 13.34
CA ASP A 51 -5.01 -18.09 12.04
C ASP A 51 -3.72 -17.52 11.40
N ASN A 52 -2.55 -17.96 11.90
CA ASN A 52 -1.25 -17.57 11.38
C ASN A 52 -0.89 -16.09 11.60
N SER A 53 -1.31 -15.57 12.76
CA SER A 53 -0.86 -14.27 13.24
C SER A 53 -0.02 -14.48 14.49
N VAL A 54 0.76 -13.46 14.85
CA VAL A 54 1.57 -13.48 16.07
C VAL A 54 1.27 -12.23 16.87
N SER A 55 1.07 -12.39 18.18
CA SER A 55 0.89 -11.26 19.10
C SER A 55 2.02 -11.22 20.10
N VAL A 56 2.51 -10.01 20.38
CA VAL A 56 3.56 -9.78 21.36
C VAL A 56 3.04 -8.78 22.39
N GLN A 57 2.95 -9.22 23.65
CA GLN A 57 2.47 -8.39 24.75
C GLN A 57 3.64 -8.06 25.68
N ASP A 58 3.64 -6.86 26.25
CA ASP A 58 4.47 -6.56 27.43
C ASP A 58 3.59 -5.94 28.52
N ASP A 59 4.11 -5.97 29.75
CA ASP A 59 3.42 -5.36 30.90
C ASP A 59 4.15 -4.11 31.42
N GLY A 60 4.70 -3.33 30.49
CA GLY A 60 5.44 -2.11 30.81
C GLY A 60 4.51 -0.91 31.00
N ARG A 61 5.02 0.28 30.71
CA ARG A 61 4.29 1.53 30.96
C ARG A 61 3.19 1.82 29.93
N GLY A 62 3.30 1.21 28.75
CA GLY A 62 2.47 1.59 27.60
C GLY A 62 3.20 2.66 26.81
N ILE A 63 3.31 2.48 25.48
CA ILE A 63 3.97 3.48 24.63
C ILE A 63 3.13 4.77 24.58
N PRO A 64 3.78 5.94 24.39
CA PRO A 64 3.08 7.22 24.50
C PRO A 64 1.88 7.38 23.55
N THR A 65 0.78 7.92 24.07
CA THR A 65 -0.47 8.07 23.31
C THR A 65 -0.75 9.50 22.81
N GLY A 66 -0.15 10.51 23.45
CA GLY A 66 -0.40 11.91 23.11
C GLY A 66 -0.01 12.31 21.69
N ILE A 67 -0.59 13.41 21.22
CA ILE A 67 -0.38 13.87 19.84
C ILE A 67 1.05 14.37 19.66
N HIS A 68 1.69 13.92 18.59
CA HIS A 68 3.05 14.33 18.25
C HIS A 68 2.98 15.75 17.66
N PRO A 69 3.67 16.73 18.26
CA PRO A 69 3.50 18.14 17.83
C PRO A 69 3.87 18.43 16.37
N GLU A 70 4.89 17.75 15.84
CA GLU A 70 5.31 17.93 14.45
C GLU A 70 4.40 17.19 13.46
N GLU A 71 4.21 15.90 13.70
CA GLU A 71 3.47 15.02 12.77
C GLU A 71 1.95 15.23 12.82
N GLY A 72 1.43 15.69 13.96
CA GLY A 72 0.01 15.98 14.12
C GLY A 72 -0.88 14.75 14.25
N VAL A 73 -0.29 13.63 14.66
CA VAL A 73 -1.02 12.39 14.94
C VAL A 73 -0.47 11.81 16.24
N SER A 74 -1.09 10.75 16.74
CA SER A 74 -0.67 10.10 17.99
C SER A 74 0.80 9.64 17.87
N ALA A 75 1.55 9.78 18.98
CA ALA A 75 2.95 9.35 19.03
C ALA A 75 3.13 7.87 18.68
N ALA A 76 2.17 7.04 19.09
CA ALA A 76 2.10 5.63 18.71
C ALA A 76 2.02 5.45 17.21
N GLU A 77 1.14 6.22 16.55
CA GLU A 77 1.03 6.16 15.08
C GLU A 77 2.33 6.56 14.37
N VAL A 78 3.05 7.55 14.92
CA VAL A 78 4.36 7.94 14.38
C VAL A 78 5.33 6.75 14.43
N ILE A 79 5.33 6.04 15.57
CA ILE A 79 6.17 4.84 15.74
C ILE A 79 5.78 3.74 14.73
N MET A 80 4.48 3.56 14.49
CA MET A 80 4.00 2.53 13.56
C MET A 80 4.13 2.89 12.07
N THR A 81 4.33 4.16 11.72
CA THR A 81 4.29 4.61 10.31
C THR A 81 5.50 5.38 9.76
N VAL A 82 6.48 5.71 10.61
CA VAL A 82 7.65 6.51 10.19
C VAL A 82 8.93 5.71 10.42
N LEU A 83 9.83 5.71 9.43
CA LEU A 83 11.10 5.01 9.52
C LEU A 83 12.06 5.71 10.48
N GLY A 102 18.53 -2.00 14.66
CA GLY A 102 17.07 -2.02 14.68
C GLY A 102 16.47 -1.38 13.45
N VAL A 103 15.61 -2.12 12.74
CA VAL A 103 15.00 -1.65 11.49
C VAL A 103 13.64 -0.94 11.69
N GLY A 104 13.06 -1.08 12.89
CA GLY A 104 11.79 -0.42 13.25
C GLY A 104 10.56 -1.28 13.02
N VAL A 105 9.59 -1.16 13.91
CA VAL A 105 8.29 -1.85 13.76
C VAL A 105 7.40 -1.29 12.65
N SER A 106 7.73 -0.09 12.16
CA SER A 106 7.06 0.48 10.98
C SER A 106 7.25 -0.40 9.74
N VAL A 107 8.38 -1.10 9.66
CA VAL A 107 8.64 -2.10 8.62
C VAL A 107 7.67 -3.27 8.76
N VAL A 108 7.48 -3.74 9.99
CA VAL A 108 6.56 -4.84 10.29
C VAL A 108 5.12 -4.45 9.93
N ASN A 109 4.75 -3.22 10.27
CA ASN A 109 3.42 -2.68 9.96
C ASN A 109 3.20 -2.58 8.45
N ALA A 110 4.19 -2.07 7.73
CA ALA A 110 4.13 -1.95 6.26
C ALA A 110 3.93 -3.30 5.55
N LEU A 111 4.49 -4.37 6.09
CA LEU A 111 4.43 -5.69 5.49
C LEU A 111 3.42 -6.64 6.15
N SER A 112 2.48 -6.08 6.91
CA SER A 112 1.41 -6.84 7.54
C SER A 112 0.08 -6.46 6.89
N GLN A 113 -0.63 -7.45 6.36
CA GLN A 113 -1.98 -7.21 5.80
C GLN A 113 -2.97 -6.70 6.85
N LYS A 114 -2.75 -7.04 8.12
CA LYS A 114 -3.43 -6.40 9.24
C LYS A 114 -2.51 -6.30 10.46
N LEU A 115 -2.68 -5.23 11.24
CA LEU A 115 -1.96 -5.06 12.51
C LEU A 115 -2.88 -4.39 13.53
N GLU A 116 -3.02 -5.03 14.69
CA GLU A 116 -3.83 -4.51 15.80
C GLU A 116 -2.88 -4.01 16.88
N LEU A 117 -3.05 -2.75 17.28
CA LEU A 117 -2.26 -2.13 18.35
C LEU A 117 -3.19 -1.89 19.53
N VAL A 118 -2.77 -2.33 20.73
CA VAL A 118 -3.51 -2.07 21.98
C VAL A 118 -2.55 -1.54 23.03
N ILE A 119 -2.83 -0.34 23.55
CA ILE A 119 -1.99 0.30 24.56
C ILE A 119 -2.81 0.57 25.83
N GLN A 120 -2.32 0.08 26.96
CA GLN A 120 -2.93 0.34 28.27
C GLN A 120 -2.02 1.30 29.02
N ARG A 121 -2.53 2.51 29.28
CA ARG A 121 -1.72 3.61 29.82
C ARG A 121 -2.60 4.68 30.46
N GLU A 122 -2.14 5.21 31.60
CA GLU A 122 -2.83 6.29 32.33
C GLU A 122 -4.33 6.01 32.56
N GLY A 123 -4.63 4.79 32.99
CA GLY A 123 -6.01 4.38 33.29
C GLY A 123 -6.93 4.10 32.10
N LYS A 124 -6.37 4.07 30.89
CA LYS A 124 -7.17 3.98 29.65
C LYS A 124 -6.62 2.93 28.68
N ILE A 125 -7.53 2.25 27.98
CA ILE A 125 -7.19 1.31 26.91
C ILE A 125 -7.32 2.06 25.58
N HIS A 126 -6.28 2.00 24.76
CA HIS A 126 -6.27 2.63 23.44
C HIS A 126 -6.14 1.54 22.38
N ARG A 127 -6.86 1.70 21.25
CA ARG A 127 -6.81 0.73 20.16
C ARG A 127 -6.65 1.42 18.81
N GLN A 128 -5.95 0.75 17.90
CA GLN A 128 -5.83 1.19 16.52
C GLN A 128 -5.57 -0.01 15.62
N ILE A 129 -6.18 0.02 14.42
CA ILE A 129 -6.03 -1.04 13.43
C ILE A 129 -5.35 -0.47 12.19
N TYR A 130 -4.40 -1.24 11.66
CA TYR A 130 -3.73 -0.91 10.40
C TYR A 130 -3.97 -2.03 9.41
N GLU A 131 -3.94 -1.68 8.12
CA GLU A 131 -3.93 -2.64 7.02
C GLU A 131 -2.85 -2.22 6.04
N HIS A 132 -1.84 -3.08 5.84
CA HIS A 132 -0.67 -2.78 5.00
C HIS A 132 0.03 -1.46 5.37
N GLY A 133 0.10 -1.18 6.66
CA GLY A 133 0.71 0.05 7.19
C GLY A 133 -0.15 1.30 7.19
N VAL A 134 -1.41 1.20 6.74
CA VAL A 134 -2.31 2.34 6.65
C VAL A 134 -3.27 2.29 7.84
N PRO A 135 -3.26 3.33 8.72
CA PRO A 135 -4.21 3.33 9.84
C PRO A 135 -5.65 3.46 9.35
N GLN A 136 -6.54 2.61 9.86
CA GLN A 136 -7.95 2.63 9.47
C GLN A 136 -8.72 3.75 10.18
N ALA A 137 -8.26 4.11 11.39
CA ALA A 137 -8.77 5.26 12.11
C ALA A 137 -7.69 5.78 13.08
N PRO A 138 -7.88 6.99 13.64
CA PRO A 138 -6.94 7.47 14.66
C PRO A 138 -6.94 6.60 15.92
N LEU A 139 -5.80 6.57 16.62
CA LEU A 139 -5.72 5.91 17.93
C LEU A 139 -6.83 6.45 18.82
N ALA A 140 -7.60 5.54 19.40
CA ALA A 140 -8.84 5.90 20.10
C ALA A 140 -8.92 5.24 21.47
N VAL A 141 -9.44 5.98 22.44
CA VAL A 141 -9.72 5.45 23.79
C VAL A 141 -10.98 4.59 23.72
N THR A 142 -10.84 3.30 24.05
CA THR A 142 -11.97 2.36 23.99
C THR A 142 -12.50 1.90 25.35
N GLY A 143 -11.83 2.25 26.45
CA GLY A 143 -12.27 1.85 27.78
C GLY A 143 -11.31 2.22 28.89
N GLU A 144 -11.63 1.77 30.10
CA GLU A 144 -10.80 2.00 31.29
C GLU A 144 -10.10 0.71 31.72
N THR A 145 -8.98 0.86 32.42
CA THR A 145 -8.19 -0.28 32.89
C THR A 145 -7.24 0.12 34.02
N GLU A 146 -6.97 -0.84 34.90
CA GLU A 146 -5.96 -0.68 35.95
C GLU A 146 -4.56 -1.08 35.46
N LYS A 147 -4.51 -1.98 34.46
CA LYS A 147 -3.24 -2.51 33.96
C LYS A 147 -2.52 -1.52 33.04
N THR A 148 -1.23 -1.80 32.80
CA THR A 148 -0.41 -1.04 31.87
C THR A 148 0.33 -1.99 30.92
N GLY A 149 0.64 -1.52 29.72
CA GLY A 149 1.37 -2.31 28.74
C GLY A 149 1.01 -1.97 27.30
N THR A 150 1.68 -2.67 26.38
CA THR A 150 1.43 -2.54 24.94
C THR A 150 1.29 -3.94 24.35
N MET A 151 0.45 -4.05 23.32
CA MET A 151 0.25 -5.29 22.60
C MET A 151 0.15 -5.00 21.10
N VAL A 152 0.89 -5.77 20.31
CA VAL A 152 0.80 -5.74 18.85
C VAL A 152 0.53 -7.14 18.35
N ARG A 153 -0.57 -7.31 17.62
CA ARG A 153 -0.87 -8.54 16.90
C ARG A 153 -0.84 -8.23 15.41
N PHE A 154 -0.07 -8.99 14.64
CA PHE A 154 0.05 -8.74 13.20
C PHE A 154 -0.16 -10.00 12.36
N TRP A 155 -0.76 -9.78 11.18
CA TRP A 155 -1.01 -10.82 10.21
C TRP A 155 -0.08 -10.52 9.04
N PRO A 156 0.98 -11.34 8.84
CA PRO A 156 1.92 -11.11 7.74
C PRO A 156 1.23 -11.10 6.38
N SER A 157 1.62 -10.17 5.52
CA SER A 157 1.05 -10.07 4.18
C SER A 157 1.47 -11.26 3.33
N LEU A 158 0.50 -12.06 2.89
CA LEU A 158 0.76 -13.19 1.99
C LEU A 158 1.06 -12.77 0.55
N GLU A 159 0.90 -11.48 0.24
CA GLU A 159 1.41 -10.89 -1.00
C GLU A 159 2.95 -10.77 -0.98
N THR A 160 3.51 -10.46 0.19
CA THR A 160 4.96 -10.32 0.36
C THR A 160 5.61 -11.67 0.66
N PHE A 161 5.12 -12.35 1.69
CA PHE A 161 5.75 -13.57 2.20
C PHE A 161 5.22 -14.82 1.47
N THR A 162 6.12 -15.48 0.74
CA THR A 162 5.79 -16.62 -0.13
C THR A 162 6.47 -17.89 0.33
N ASN A 163 5.99 -19.03 -0.18
CA ASN A 163 6.53 -20.36 0.11
C ASN A 163 6.44 -20.72 1.61
N VAL A 164 7.35 -20.17 2.42
CA VAL A 164 7.29 -20.32 3.88
C VAL A 164 6.37 -19.21 4.41
N THR A 165 5.10 -19.55 4.61
CA THR A 165 4.08 -18.61 5.10
C THR A 165 3.65 -18.85 6.55
N GLU A 166 4.01 -20.00 7.12
CA GLU A 166 3.60 -20.39 8.48
C GLU A 166 4.78 -20.28 9.45
N PHE A 167 4.50 -19.80 10.66
CA PHE A 167 5.52 -19.62 11.69
C PHE A 167 5.94 -20.96 12.30
N GLU A 168 7.20 -21.35 12.08
CA GLU A 168 7.80 -22.48 12.79
C GLU A 168 8.07 -22.10 14.25
N TYR A 169 7.60 -22.94 15.17
CA TYR A 169 7.72 -22.72 16.61
C TYR A 169 9.16 -22.61 17.09
N GLU A 170 10.01 -23.54 16.63
CA GLU A 170 11.38 -23.66 17.14
C GLU A 170 12.32 -22.52 16.69
N ILE A 171 12.05 -21.92 15.53
CA ILE A 171 12.80 -20.74 15.08
C ILE A 171 12.59 -19.57 16.04
N LEU A 172 11.33 -19.38 16.48
CA LEU A 172 11.01 -18.36 17.48
C LEU A 172 11.57 -18.72 18.85
N ALA A 173 11.36 -19.97 19.27
CA ALA A 173 11.87 -20.46 20.57
C ALA A 173 13.38 -20.30 20.70
N LYS A 174 14.12 -20.60 19.63
CA LYS A 174 15.57 -20.46 19.60
C LYS A 174 16.03 -19.03 19.87
N ARG A 175 15.44 -18.07 19.16
CA ARG A 175 15.83 -16.65 19.29
C ARG A 175 15.42 -16.06 20.65
N LEU A 176 14.21 -16.40 21.12
CA LEU A 176 13.72 -15.90 22.41
C LEU A 176 14.55 -16.45 23.58
N ARG A 177 15.06 -17.68 23.44
CA ARG A 177 16.03 -18.25 24.40
C ARG A 177 17.31 -17.40 24.45
N GLU A 178 17.86 -17.06 23.29
CA GLU A 178 19.07 -16.21 23.20
C GLU A 178 18.82 -14.86 23.88
N LEU A 179 17.67 -14.25 23.60
CA LEU A 179 17.27 -12.98 24.20
C LEU A 179 17.10 -13.03 25.72
N SER A 180 16.62 -14.16 26.26
CA SER A 180 16.41 -14.31 27.70
C SER A 180 17.71 -14.28 28.51
N PHE A 181 18.78 -14.83 27.96
CA PHE A 181 20.12 -14.72 28.57
C PHE A 181 20.64 -13.28 28.54
N LEU A 182 20.52 -12.63 27.38
CA LEU A 182 20.99 -11.25 27.21
C LEU A 182 20.17 -10.26 28.04
N ASN A 183 18.86 -10.47 28.11
CA ASN A 183 17.96 -9.63 28.90
C ASN A 183 17.51 -10.39 30.15
N SER A 184 18.45 -10.50 31.09
CA SER A 184 18.34 -11.35 32.28
C SER A 184 17.15 -11.07 33.19
N GLY A 185 16.76 -9.80 33.29
CA GLY A 185 15.62 -9.40 34.12
C GLY A 185 14.23 -9.66 33.55
N VAL A 186 14.15 -10.10 32.30
CA VAL A 186 12.87 -10.22 31.58
C VAL A 186 12.40 -11.66 31.48
N SER A 187 11.14 -11.90 31.83
CA SER A 187 10.47 -13.18 31.56
C SER A 187 9.96 -13.17 30.12
N ILE A 188 10.20 -14.26 29.39
CA ILE A 188 9.70 -14.41 28.02
C ILE A 188 8.92 -15.72 27.90
N ARG A 189 7.61 -15.62 27.69
CA ARG A 189 6.74 -16.78 27.46
C ARG A 189 6.42 -16.91 25.98
N LEU A 190 6.46 -18.14 25.47
CA LEU A 190 6.10 -18.46 24.09
C LEU A 190 4.95 -19.46 24.13
N ARG A 191 3.87 -19.17 23.41
CA ARG A 191 2.67 -20.02 23.36
C ARG A 191 2.27 -20.29 21.91
N ASP A 192 1.98 -21.55 21.61
CA ASP A 192 1.47 -21.95 20.30
C ASP A 192 0.04 -22.47 20.46
N LYS A 193 -0.92 -21.73 19.91
CA LYS A 193 -2.34 -22.10 19.99
C LYS A 193 -2.77 -23.13 18.94
N ARG A 194 -1.90 -23.42 17.97
CA ARG A 194 -2.19 -24.44 16.95
C ARG A 194 -2.14 -25.85 17.53
N ASP A 195 -1.09 -26.14 18.30
CA ASP A 195 -0.87 -27.47 18.91
C ASP A 195 -0.67 -27.46 20.43
N GLY A 196 -0.92 -26.32 21.08
CA GLY A 196 -0.80 -26.22 22.54
C GLY A 196 0.61 -26.26 23.13
N LYS A 197 1.63 -26.10 22.29
CA LYS A 197 3.03 -26.11 22.76
C LYS A 197 3.36 -24.80 23.45
N GLU A 198 4.24 -24.86 24.44
CA GLU A 198 4.65 -23.66 25.19
C GLU A 198 6.01 -23.77 25.87
N ASP A 199 6.60 -22.60 26.14
CA ASP A 199 7.89 -22.49 26.84
C ASP A 199 7.91 -21.23 27.70
N HIS A 200 8.85 -21.19 28.64
CA HIS A 200 9.03 -20.06 29.54
C HIS A 200 10.53 -19.82 29.76
N PHE A 201 11.06 -18.81 29.07
CA PHE A 201 12.48 -18.48 29.13
C PHE A 201 12.71 -17.37 30.15
N HIS A 202 13.50 -17.68 31.19
CA HIS A 202 13.88 -16.71 32.22
C HIS A 202 15.20 -17.12 32.88
N TYR A 203 16.15 -16.18 32.94
CA TYR A 203 17.51 -16.46 33.41
C TYR A 203 17.58 -16.44 34.94
N LEU B 1 2.52 8.44 -0.84
CA LEU B 1 1.11 8.05 -1.16
C LEU B 1 0.24 7.68 0.05
N ASP B 2 0.86 7.39 1.21
CA ASP B 2 0.10 7.04 2.43
C ASP B 2 -0.95 8.06 2.87
N ALA B 3 -0.72 9.35 2.58
CA ALA B 3 -1.71 10.40 2.83
C ALA B 3 -3.02 10.17 2.05
N VAL B 4 -2.89 9.69 0.81
CA VAL B 4 -4.06 9.34 -0.02
C VAL B 4 -4.71 8.06 0.49
N ARG B 5 -3.89 7.08 0.86
CA ARG B 5 -4.39 5.80 1.40
C ARG B 5 -5.12 5.97 2.75
N LYS B 6 -4.67 6.92 3.57
CA LYS B 6 -5.32 7.23 4.85
C LYS B 6 -6.74 7.76 4.71
N ARG B 7 -6.97 8.61 3.71
CA ARG B 7 -8.27 9.21 3.46
C ARG B 7 -8.55 9.32 1.96
N PRO B 8 -8.88 8.19 1.29
CA PRO B 8 -9.12 8.16 -0.16
C PRO B 8 -10.23 9.12 -0.62
N GLY B 9 -11.29 9.22 0.17
CA GLY B 9 -12.41 10.11 -0.11
C GLY B 9 -12.06 11.57 -0.34
N MET B 10 -11.06 12.07 0.39
CA MET B 10 -10.60 13.46 0.26
C MET B 10 -9.98 13.77 -1.11
N TYR B 11 -9.37 12.76 -1.75
CA TYR B 11 -8.66 12.95 -3.02
C TYR B 11 -9.49 12.57 -4.25
N ILE B 12 -10.10 11.39 -4.23
CA ILE B 12 -10.85 10.87 -5.40
C ILE B 12 -12.35 11.21 -5.38
N GLY B 13 -12.91 11.47 -4.20
CA GLY B 13 -14.34 11.72 -4.04
C GLY B 13 -15.02 10.54 -3.37
N ASP B 14 -16.35 10.48 -3.45
CA ASP B 14 -17.14 9.45 -2.78
C ASP B 14 -16.84 8.06 -3.37
N THR B 15 -16.32 7.16 -2.54
CA THR B 15 -15.90 5.83 -2.96
C THR B 15 -17.03 4.76 -2.88
N ASP B 16 -18.25 5.17 -2.52
CA ASP B 16 -19.40 4.26 -2.42
C ASP B 16 -20.38 4.40 -3.60
N ASP B 17 -20.73 5.63 -3.97
CA ASP B 17 -21.80 5.88 -4.96
C ASP B 17 -21.39 5.78 -6.45
N GLY B 18 -20.10 5.53 -6.72
CA GLY B 18 -19.61 5.36 -8.10
C GLY B 18 -19.01 6.60 -8.73
N THR B 19 -19.17 7.77 -8.10
CA THR B 19 -18.62 9.03 -8.64
C THR B 19 -17.10 9.05 -8.55
N GLY B 20 -16.57 8.63 -7.41
CA GLY B 20 -15.13 8.46 -7.22
C GLY B 20 -14.52 7.46 -8.19
N LEU B 21 -15.21 6.34 -8.40
CA LEU B 21 -14.78 5.29 -9.33
C LEU B 21 -14.59 5.82 -10.75
N HIS B 22 -15.56 6.59 -11.23
CA HIS B 22 -15.49 7.16 -12.58
C HIS B 22 -14.51 8.33 -12.67
N HIS B 23 -14.33 9.06 -11.58
CA HIS B 23 -13.29 10.09 -11.51
C HIS B 23 -11.88 9.52 -11.75
N MET B 24 -11.67 8.25 -11.38
CA MET B 24 -10.40 7.55 -11.66
C MET B 24 -10.10 7.54 -13.17
N VAL B 25 -11.11 7.25 -13.98
CA VAL B 25 -10.96 7.22 -15.44
C VAL B 25 -10.69 8.64 -15.98
N PHE B 26 -11.46 9.62 -15.51
CA PHE B 26 -11.37 10.99 -16.03
C PHE B 26 -10.05 11.68 -15.68
N GLU B 27 -9.48 11.33 -14.52
CA GLU B 27 -8.14 11.82 -14.15
C GLU B 27 -7.08 11.31 -15.12
N VAL B 28 -7.14 10.02 -15.46
CA VAL B 28 -6.20 9.43 -16.43
C VAL B 28 -6.43 10.01 -17.83
N VAL B 29 -7.70 10.22 -18.19
CA VAL B 29 -8.07 10.81 -19.48
C VAL B 29 -7.52 12.24 -19.64
N ASP B 30 -7.60 13.05 -18.59
CA ASP B 30 -7.04 14.41 -18.60
C ASP B 30 -5.53 14.41 -18.90
N ASN B 31 -4.80 13.46 -18.32
CA ASN B 31 -3.37 13.30 -18.60
C ASN B 31 -3.11 12.83 -20.04
N ALA B 32 -3.96 11.92 -20.54
CA ALA B 32 -3.87 11.45 -21.93
C ALA B 32 -4.15 12.56 -22.95
N ILE B 33 -5.15 13.39 -22.66
CA ILE B 33 -5.47 14.56 -23.51
C ILE B 33 -4.31 15.56 -23.57
N ASP B 34 -3.67 15.80 -22.42
CA ASP B 34 -2.46 16.64 -22.39
C ASP B 34 -1.36 16.09 -23.30
N GLU B 35 -1.12 14.79 -23.22
CA GLU B 35 -0.12 14.12 -24.07
C GLU B 35 -0.52 14.13 -25.56
N ALA B 36 -1.80 13.88 -25.83
CA ALA B 36 -2.31 13.89 -27.21
C ALA B 36 -2.21 15.27 -27.86
N LEU B 37 -2.52 16.31 -27.08
CA LEU B 37 -2.43 17.72 -27.55
C LEU B 37 -1.02 18.13 -28.01
N ALA B 38 0.01 17.54 -27.42
CA ALA B 38 1.39 17.83 -27.81
C ALA B 38 1.79 17.29 -29.21
N GLY B 39 1.02 16.31 -29.72
CA GLY B 39 1.25 15.75 -31.07
C GLY B 39 0.36 16.34 -32.15
N HIS B 40 0.46 15.79 -33.37
CA HIS B 40 -0.32 16.24 -34.54
C HIS B 40 -1.53 15.37 -34.82
N CYS B 41 -1.33 14.05 -34.84
CA CYS B 41 -2.43 13.10 -35.07
C CYS B 41 -3.44 13.17 -33.93
N LYS B 42 -2.95 13.07 -32.70
CA LYS B 42 -3.74 13.19 -31.48
C LYS B 42 -4.94 12.22 -31.44
N GLU B 43 -4.68 10.98 -31.02
CA GLU B 43 -5.76 10.04 -30.76
C GLU B 43 -5.64 9.48 -29.36
N ILE B 44 -6.79 9.31 -28.71
CA ILE B 44 -6.91 8.67 -27.42
C ILE B 44 -7.91 7.54 -27.57
N ILE B 45 -7.62 6.39 -26.94
CA ILE B 45 -8.51 5.26 -26.92
C ILE B 45 -8.73 4.86 -25.47
N VAL B 46 -10.00 4.92 -25.02
CA VAL B 46 -10.41 4.48 -23.70
C VAL B 46 -11.13 3.14 -23.89
N THR B 47 -10.64 2.08 -23.23
CA THR B 47 -11.22 0.74 -23.36
C THR B 47 -11.66 0.19 -22.02
N ILE B 48 -12.93 -0.19 -21.91
CA ILE B 48 -13.45 -0.90 -20.73
C ILE B 48 -13.26 -2.39 -21.01
N HIS B 49 -12.39 -3.03 -20.24
CA HIS B 49 -12.06 -4.44 -20.44
C HIS B 49 -13.06 -5.33 -19.71
N ALA B 50 -13.07 -6.62 -20.09
CA ALA B 50 -14.02 -7.60 -19.55
C ALA B 50 -13.82 -7.92 -18.06
N ASP B 51 -12.61 -7.67 -17.53
CA ASP B 51 -12.30 -7.84 -16.10
C ASP B 51 -12.54 -6.57 -15.26
N ASN B 52 -13.34 -5.63 -15.78
CA ASN B 52 -13.60 -4.32 -15.16
C ASN B 52 -12.36 -3.48 -14.83
N SER B 53 -11.33 -3.60 -15.67
CA SER B 53 -10.23 -2.63 -15.72
C SER B 53 -10.51 -1.69 -16.88
N VAL B 54 -9.88 -0.51 -16.84
CA VAL B 54 -9.97 0.47 -17.92
C VAL B 54 -8.56 0.81 -18.36
N SER B 55 -8.33 0.80 -19.67
CA SER B 55 -7.08 1.27 -20.25
C SER B 55 -7.31 2.58 -21.00
N VAL B 56 -6.35 3.50 -20.87
CA VAL B 56 -6.35 4.76 -21.60
C VAL B 56 -5.00 4.86 -22.30
N GLN B 57 -5.01 5.02 -23.61
CA GLN B 57 -3.78 5.11 -24.41
C GLN B 57 -3.83 6.36 -25.29
N ASP B 58 -2.66 6.96 -25.51
CA ASP B 58 -2.50 8.07 -26.46
C ASP B 58 -1.33 7.76 -27.38
N ASP B 59 -1.29 8.42 -28.53
CA ASP B 59 -0.18 8.29 -29.48
C ASP B 59 0.74 9.54 -29.47
N GLY B 60 0.91 10.15 -28.30
CA GLY B 60 1.76 11.32 -28.15
C GLY B 60 3.23 10.96 -28.04
N ARG B 61 4.01 11.87 -27.47
CA ARG B 61 5.47 11.71 -27.39
C ARG B 61 5.94 10.59 -26.44
N GLY B 62 5.10 10.23 -25.47
CA GLY B 62 5.47 9.28 -24.44
C GLY B 62 6.00 10.05 -23.24
N ILE B 63 5.50 9.76 -22.05
CA ILE B 63 5.97 10.45 -20.83
C ILE B 63 7.46 10.13 -20.57
N PRO B 64 8.21 11.07 -19.94
CA PRO B 64 9.65 10.87 -19.77
C PRO B 64 10.02 9.60 -19.00
N THR B 65 11.09 8.95 -19.44
CA THR B 65 11.54 7.66 -18.88
C THR B 65 12.90 7.70 -18.17
N GLY B 66 13.67 8.78 -18.35
CA GLY B 66 15.00 8.89 -17.75
C GLY B 66 14.96 9.01 -16.25
N ILE B 67 16.06 8.61 -15.60
CA ILE B 67 16.15 8.61 -14.15
C ILE B 67 16.15 10.06 -13.64
N HIS B 68 15.29 10.34 -12.67
CA HIS B 68 15.20 11.65 -12.03
C HIS B 68 16.42 11.81 -11.11
N PRO B 69 17.24 12.88 -11.29
CA PRO B 69 18.48 13.04 -10.51
C PRO B 69 18.32 13.03 -8.98
N GLU B 70 17.28 13.69 -8.48
CA GLU B 70 17.01 13.72 -7.04
C GLU B 70 16.39 12.42 -6.51
N GLU B 71 15.30 11.98 -7.15
CA GLU B 71 14.50 10.85 -6.68
C GLU B 71 15.18 9.48 -6.90
N GLY B 72 16.04 9.39 -7.90
CA GLY B 72 16.78 8.16 -8.19
C GLY B 72 15.97 7.03 -8.81
N VAL B 73 14.84 7.37 -9.42
CA VAL B 73 14.01 6.43 -10.16
C VAL B 73 13.56 7.11 -11.46
N SER B 74 13.00 6.33 -12.38
CA SER B 74 12.52 6.87 -13.65
C SER B 74 11.53 8.01 -13.44
N ALA B 75 11.57 9.02 -14.30
CA ALA B 75 10.63 10.14 -14.25
C ALA B 75 9.18 9.67 -14.31
N ALA B 76 8.93 8.60 -15.07
CA ALA B 76 7.61 7.95 -15.10
C ALA B 76 7.17 7.49 -13.72
N GLU B 77 8.04 6.80 -12.99
CA GLU B 77 7.73 6.37 -11.62
C GLU B 77 7.45 7.54 -10.68
N VAL B 78 8.21 8.62 -10.83
CA VAL B 78 7.98 9.84 -10.03
C VAL B 78 6.56 10.37 -10.26
N ILE B 79 6.14 10.44 -11.52
CA ILE B 79 4.78 10.86 -11.88
C ILE B 79 3.71 9.94 -11.27
N MET B 80 3.97 8.63 -11.29
CA MET B 80 3.02 7.64 -10.76
C MET B 80 2.99 7.52 -9.23
N THR B 81 4.06 7.95 -8.53
CA THR B 81 4.17 7.72 -7.08
C THR B 81 4.30 8.98 -6.18
N VAL B 82 4.38 10.18 -6.77
CA VAL B 82 4.53 11.42 -6.00
C VAL B 82 3.27 12.28 -6.12
N LEU B 83 2.82 12.79 -4.98
CA LEU B 83 1.54 13.51 -4.88
C LEU B 83 1.66 14.94 -5.37
N GLY B 102 -5.81 19.14 -11.72
CA GLY B 102 -6.41 17.86 -11.31
C GLY B 102 -5.72 17.24 -10.10
N VAL B 103 -6.22 16.09 -9.68
CA VAL B 103 -5.71 15.39 -8.48
C VAL B 103 -4.41 14.60 -8.72
N GLY B 104 -4.02 14.41 -9.98
CA GLY B 104 -2.82 13.63 -10.34
C GLY B 104 -3.12 12.15 -10.51
N VAL B 105 -2.38 11.51 -11.43
CA VAL B 105 -2.50 10.07 -11.63
C VAL B 105 -2.02 9.24 -10.44
N SER B 106 -1.13 9.81 -9.61
CA SER B 106 -0.62 9.11 -8.43
C SER B 106 -1.73 8.71 -7.45
N VAL B 107 -2.81 9.48 -7.42
CA VAL B 107 -4.01 9.13 -6.66
C VAL B 107 -4.67 7.88 -7.27
N VAL B 108 -4.81 7.86 -8.60
CA VAL B 108 -5.38 6.71 -9.31
C VAL B 108 -4.54 5.45 -9.08
N ASN B 109 -3.22 5.60 -9.15
CA ASN B 109 -2.28 4.52 -8.90
C ASN B 109 -2.41 3.99 -7.46
N ALA B 110 -2.41 4.90 -6.49
CA ALA B 110 -2.57 4.54 -5.07
C ALA B 110 -3.85 3.73 -4.80
N LEU B 111 -4.95 4.13 -5.43
CA LEU B 111 -6.25 3.48 -5.24
C LEU B 111 -6.59 2.38 -6.26
N SER B 112 -5.59 1.91 -7.00
CA SER B 112 -5.75 0.77 -7.91
C SER B 112 -5.03 -0.45 -7.34
N GLN B 113 -5.74 -1.56 -7.24
CA GLN B 113 -5.10 -2.83 -6.81
C GLN B 113 -4.05 -3.33 -7.79
N LYS B 114 -4.20 -2.98 -9.07
CA LYS B 114 -3.17 -3.18 -10.09
C LYS B 114 -3.17 -2.00 -11.08
N LEU B 115 -1.97 -1.64 -11.54
CA LEU B 115 -1.83 -0.64 -12.61
C LEU B 115 -0.65 -1.00 -13.52
N GLU B 116 -0.92 -1.02 -14.83
CA GLU B 116 0.06 -1.37 -15.84
C GLU B 116 0.40 -0.11 -16.64
N LEU B 117 1.69 0.20 -16.72
CA LEU B 117 2.19 1.34 -17.47
C LEU B 117 3.04 0.85 -18.65
N VAL B 118 2.72 1.35 -19.85
CA VAL B 118 3.50 1.05 -21.06
C VAL B 118 3.80 2.36 -21.80
N ILE B 119 5.09 2.66 -21.97
CA ILE B 119 5.55 3.90 -22.62
C ILE B 119 6.38 3.55 -23.85
N GLN B 120 5.98 4.07 -25.00
CA GLN B 120 6.72 3.91 -26.24
C GLN B 120 7.37 5.24 -26.59
N ARG B 121 8.70 5.26 -26.66
CA ARG B 121 9.48 6.50 -26.74
C ARG B 121 10.91 6.19 -27.17
N GLU B 122 11.45 7.01 -28.08
CA GLU B 122 12.83 6.86 -28.59
C GLU B 122 13.13 5.45 -29.13
N GLY B 123 12.15 4.87 -29.82
CA GLY B 123 12.26 3.54 -30.39
C GLY B 123 12.23 2.36 -29.42
N LYS B 124 11.83 2.60 -28.17
CA LYS B 124 11.88 1.59 -27.11
C LYS B 124 10.54 1.47 -26.39
N ILE B 125 10.16 0.23 -26.04
CA ILE B 125 8.97 -0.05 -25.24
C ILE B 125 9.40 -0.17 -23.78
N HIS B 126 8.77 0.61 -22.90
CA HIS B 126 9.05 0.60 -21.46
C HIS B 126 7.83 0.07 -20.73
N ARG B 127 8.05 -0.84 -19.78
CA ARG B 127 6.96 -1.48 -19.04
C ARG B 127 7.20 -1.45 -17.53
N GLN B 128 6.14 -1.19 -16.78
CA GLN B 128 6.17 -1.25 -15.31
C GLN B 128 4.79 -1.60 -14.78
N ILE B 129 4.79 -2.38 -13.69
CA ILE B 129 3.56 -2.83 -13.04
C ILE B 129 3.54 -2.32 -11.60
N TYR B 130 2.39 -1.81 -11.19
CA TYR B 130 2.15 -1.35 -9.81
C TYR B 130 1.03 -2.17 -9.18
N GLU B 131 1.07 -2.29 -7.86
CA GLU B 131 -0.05 -2.83 -7.08
C GLU B 131 -0.25 -1.97 -5.85
N HIS B 132 -1.44 -1.36 -5.73
CA HIS B 132 -1.77 -0.42 -4.66
C HIS B 132 -0.76 0.74 -4.55
N GLY B 133 -0.30 1.22 -5.71
CA GLY B 133 0.69 2.30 -5.77
C GLY B 133 2.16 1.90 -5.69
N VAL B 134 2.43 0.62 -5.38
CA VAL B 134 3.79 0.14 -5.17
C VAL B 134 4.32 -0.50 -6.45
N PRO B 135 5.43 0.03 -7.01
CA PRO B 135 5.99 -0.59 -8.22
C PRO B 135 6.58 -1.97 -7.91
N GLN B 136 6.29 -2.94 -8.78
CA GLN B 136 6.75 -4.32 -8.59
C GLN B 136 8.19 -4.50 -9.05
N ALA B 137 8.63 -3.66 -9.99
CA ALA B 137 10.03 -3.57 -10.39
C ALA B 137 10.29 -2.18 -10.97
N PRO B 138 11.56 -1.81 -11.15
CA PRO B 138 11.86 -0.56 -11.85
C PRO B 138 11.39 -0.57 -13.31
N LEU B 139 11.09 0.62 -13.84
CA LEU B 139 10.72 0.76 -15.25
C LEU B 139 11.78 0.10 -16.13
N ALA B 140 11.35 -0.76 -17.05
CA ALA B 140 12.25 -1.60 -17.83
C ALA B 140 11.96 -1.50 -19.32
N VAL B 141 13.02 -1.36 -20.12
CA VAL B 141 12.93 -1.46 -21.57
C VAL B 141 12.80 -2.94 -21.92
N THR B 142 11.65 -3.31 -22.46
CA THR B 142 11.35 -4.70 -22.80
C THR B 142 11.47 -5.01 -24.30
N GLY B 143 11.50 -3.98 -25.15
CA GLY B 143 11.56 -4.20 -26.59
C GLY B 143 11.73 -2.94 -27.41
N GLU B 144 11.35 -3.05 -28.69
CA GLU B 144 11.52 -1.99 -29.67
C GLU B 144 10.18 -1.66 -30.32
N THR B 145 10.09 -0.45 -30.86
CA THR B 145 8.85 0.04 -31.48
C THR B 145 9.12 1.20 -32.42
N GLU B 146 8.32 1.30 -33.49
CA GLU B 146 8.32 2.47 -34.37
C GLU B 146 7.36 3.56 -33.87
N LYS B 147 6.44 3.19 -32.98
CA LYS B 147 5.40 4.09 -32.48
C LYS B 147 5.83 4.82 -31.20
N THR B 148 5.07 5.86 -30.87
CA THR B 148 5.25 6.60 -29.62
C THR B 148 3.92 6.71 -28.88
N GLY B 149 3.99 6.92 -27.56
CA GLY B 149 2.79 7.10 -26.74
C GLY B 149 2.89 6.51 -25.35
N THR B 150 1.81 6.69 -24.59
CA THR B 150 1.70 6.19 -23.22
C THR B 150 0.40 5.42 -23.08
N MET B 151 0.43 4.34 -22.30
CA MET B 151 -0.75 3.54 -22.01
C MET B 151 -0.77 3.25 -20.51
N VAL B 152 -1.91 3.54 -19.88
CA VAL B 152 -2.17 3.19 -18.48
C VAL B 152 -3.43 2.33 -18.43
N ARG B 153 -3.30 1.14 -17.84
CA ARG B 153 -4.45 0.26 -17.59
C ARG B 153 -4.48 0.00 -16.09
N PHE B 154 -5.63 0.26 -15.47
CA PHE B 154 -5.75 0.13 -14.02
C PHE B 154 -6.97 -0.68 -13.60
N TRP B 155 -6.79 -1.41 -12.49
CA TRP B 155 -7.83 -2.21 -11.87
C TRP B 155 -8.15 -1.49 -10.56
N PRO B 156 -9.35 -0.87 -10.46
CA PRO B 156 -9.73 -0.18 -9.22
C PRO B 156 -9.70 -1.08 -8.00
N SER B 157 -9.19 -0.58 -6.88
CA SER B 157 -9.08 -1.37 -5.66
C SER B 157 -10.47 -1.62 -5.06
N LEU B 158 -10.84 -2.90 -4.96
CA LEU B 158 -12.10 -3.29 -4.34
C LEU B 158 -12.09 -3.12 -2.82
N GLU B 159 -10.91 -2.95 -2.23
CA GLU B 159 -10.76 -2.54 -0.82
C GLU B 159 -11.19 -1.09 -0.56
N THR B 160 -11.04 -0.23 -1.58
CA THR B 160 -11.44 1.18 -1.51
C THR B 160 -12.85 1.39 -2.08
N PHE B 161 -13.06 0.92 -3.31
CA PHE B 161 -14.31 1.17 -4.02
C PHE B 161 -15.36 0.10 -3.73
N THR B 162 -16.39 0.49 -2.98
CA THR B 162 -17.45 -0.40 -2.52
C THR B 162 -18.78 -0.07 -3.19
N ASN B 163 -19.72 -0.99 -3.09
CA ASN B 163 -21.10 -0.84 -3.61
C ASN B 163 -21.14 -0.75 -5.14
N VAL B 164 -20.73 0.38 -5.71
CA VAL B 164 -20.61 0.54 -7.17
C VAL B 164 -19.16 0.25 -7.57
N THR B 165 -18.94 -0.91 -8.19
CA THR B 165 -17.60 -1.37 -8.57
C THR B 165 -17.44 -1.64 -10.09
N GLU B 166 -18.45 -1.32 -10.89
CA GLU B 166 -18.44 -1.57 -12.33
C GLU B 166 -18.60 -0.25 -13.10
N PHE B 167 -17.89 -0.13 -14.21
CA PHE B 167 -17.92 1.08 -15.02
C PHE B 167 -19.17 1.11 -15.91
N GLU B 168 -19.95 2.18 -15.76
CA GLU B 168 -21.09 2.46 -16.60
C GLU B 168 -20.62 3.15 -17.89
N TYR B 169 -20.90 2.52 -19.03
CA TYR B 169 -20.51 3.03 -20.36
C TYR B 169 -21.02 4.44 -20.61
N GLU B 170 -22.28 4.69 -20.27
CA GLU B 170 -22.96 5.97 -20.51
C GLU B 170 -22.31 7.16 -19.79
N ILE B 171 -21.81 6.93 -18.57
CA ILE B 171 -21.11 7.96 -17.81
C ILE B 171 -19.82 8.37 -18.53
N LEU B 172 -19.05 7.38 -19.00
CA LEU B 172 -17.81 7.65 -19.73
C LEU B 172 -18.06 8.28 -21.10
N ALA B 173 -19.00 7.71 -21.86
CA ALA B 173 -19.34 8.20 -23.20
C ALA B 173 -19.81 9.65 -23.20
N LYS B 174 -20.66 10.00 -22.24
CA LYS B 174 -21.17 11.36 -22.09
C LYS B 174 -20.05 12.36 -21.83
N ARG B 175 -19.15 12.03 -20.90
CA ARG B 175 -18.03 12.91 -20.54
C ARG B 175 -17.02 13.07 -21.66
N LEU B 176 -16.68 11.97 -22.33
CA LEU B 176 -15.73 12.00 -23.45
C LEU B 176 -16.27 12.81 -24.63
N ARG B 177 -17.59 12.75 -24.85
CA ARG B 177 -18.25 13.60 -25.86
C ARG B 177 -18.10 15.08 -25.53
N GLU B 178 -18.34 15.44 -24.26
CA GLU B 178 -18.20 16.83 -23.80
C GLU B 178 -16.75 17.31 -23.99
N LEU B 179 -15.80 16.46 -23.59
CA LEU B 179 -14.36 16.74 -23.74
C LEU B 179 -13.91 16.95 -25.19
N SER B 180 -14.49 16.20 -26.12
CA SER B 180 -14.12 16.29 -27.54
C SER B 180 -14.27 17.70 -28.11
N PHE B 181 -15.34 18.38 -27.73
CA PHE B 181 -15.59 19.76 -28.19
C PHE B 181 -14.63 20.81 -27.63
N LEU B 182 -14.07 20.57 -26.43
CA LEU B 182 -13.04 21.45 -25.86
C LEU B 182 -11.62 21.19 -26.38
N ASN B 183 -11.40 20.02 -26.98
CA ASN B 183 -10.07 19.61 -27.43
C ASN B 183 -10.08 19.33 -28.93
N SER B 184 -9.86 20.39 -29.72
CA SER B 184 -9.93 20.30 -31.17
C SER B 184 -8.77 19.52 -31.77
N GLY B 185 -9.09 18.69 -32.75
CA GLY B 185 -8.09 17.85 -33.43
C GLY B 185 -7.75 16.56 -32.69
N VAL B 186 -8.36 16.32 -31.53
CA VAL B 186 -8.09 15.14 -30.72
C VAL B 186 -9.19 14.10 -30.96
N SER B 187 -8.80 12.97 -31.53
CA SER B 187 -9.72 11.85 -31.72
C SER B 187 -9.84 11.07 -30.41
N ILE B 188 -11.06 10.89 -29.92
CA ILE B 188 -11.32 10.13 -28.70
C ILE B 188 -12.20 8.93 -29.05
N ARG B 189 -11.65 7.73 -28.88
CA ARG B 189 -12.39 6.48 -29.11
C ARG B 189 -12.72 5.81 -27.78
N LEU B 190 -13.97 5.37 -27.65
CA LEU B 190 -14.42 4.60 -26.50
C LEU B 190 -14.80 3.21 -26.98
N ARG B 191 -14.33 2.18 -26.27
CA ARG B 191 -14.62 0.79 -26.60
C ARG B 191 -15.02 0.02 -25.34
N ASP B 192 -16.07 -0.79 -25.45
CA ASP B 192 -16.53 -1.65 -24.36
C ASP B 192 -16.40 -3.08 -24.86
N LYS B 193 -15.44 -3.82 -24.29
CA LYS B 193 -15.20 -5.22 -24.68
C LYS B 193 -16.14 -6.21 -23.98
N ARG B 194 -16.94 -5.75 -23.03
CA ARG B 194 -17.96 -6.58 -22.38
C ARG B 194 -19.11 -6.91 -23.35
N ASP B 195 -19.60 -5.88 -24.05
CA ASP B 195 -20.70 -6.04 -25.02
C ASP B 195 -20.37 -5.64 -26.48
N GLY B 196 -19.16 -5.13 -26.74
CA GLY B 196 -18.76 -4.71 -28.08
C GLY B 196 -19.20 -3.31 -28.51
N LYS B 197 -19.77 -2.53 -27.59
CA LYS B 197 -20.25 -1.18 -27.90
C LYS B 197 -19.04 -0.26 -28.04
N GLU B 198 -19.05 0.60 -29.05
CA GLU B 198 -17.97 1.58 -29.24
C GLU B 198 -18.46 2.91 -29.82
N ASP B 199 -17.72 3.98 -29.51
CA ASP B 199 -18.01 5.32 -29.99
C ASP B 199 -16.72 6.02 -30.43
N HIS B 200 -16.87 7.01 -31.32
CA HIS B 200 -15.76 7.79 -31.82
C HIS B 200 -16.14 9.27 -31.81
N PHE B 201 -15.55 10.01 -30.87
CA PHE B 201 -15.77 11.45 -30.73
C PHE B 201 -14.55 12.18 -31.28
N HIS B 202 -14.73 12.90 -32.38
CA HIS B 202 -13.63 13.65 -33.01
C HIS B 202 -14.16 14.97 -33.59
N TYR B 203 -13.97 16.04 -32.83
CA TYR B 203 -14.34 17.39 -33.22
C TYR B 203 -13.08 18.11 -33.74
N GLU B 204 -13.17 18.65 -34.96
CA GLU B 204 -12.02 19.26 -35.64
C GLU B 204 -12.16 20.78 -35.81
N GLY B 205 -12.79 21.44 -34.85
CA GLY B 205 -13.10 22.86 -34.94
C GLY B 205 -11.90 23.78 -34.80
N GLY B 206 -11.97 24.95 -35.44
CA GLY B 206 -10.85 25.88 -35.50
C GLY B 206 -9.76 25.42 -36.44
#